data_3MHU
#
_entry.id   3MHU
#
_cell.length_a   141.562
_cell.length_b   141.562
_cell.length_c   68.811
_cell.angle_alpha   90.00
_cell.angle_beta   90.00
_cell.angle_gamma   120.00
#
_symmetry.space_group_name_H-M   'P 61'
#
loop_
_entity.id
_entity.type
_entity.pdbx_description
1 polymer 'Dihydroorotate dehydrogenase'
2 non-polymer 'FLAVIN MONONUCLEOTIDE'
3 non-polymer '5-nitro-2,6-dioxo-1,2,3,6-tetrahydropyrimidine-4-carboxylic acid'
4 non-polymer GLYCEROL
5 non-polymer 'SULFATE ION'
6 water water
#
_entity_poly.entity_id   1
_entity_poly.type   'polypeptide(L)'
_entity_poly.pdbx_seq_one_letter_code
;MGSSHHHHHHSSGLVPAGSHMASMTGGQQMGRGSMSLQVNLLNNTFANPFMNAAGVMCTTTEELVAMTESASGSLVSKSC
TPALREGNPTPRYQALPLGSINSMGLPNNGFDFYLAYAAEQHDYGKKPLFLSMSGLSMRENVEMCKRLAAVATEKGVILE
LNLSCPNVPGKPQVAYDFDAMRQCLTAVSEVYPHSFGVKMPPYFDFAHFDAAAEILNEFPKVQFITCINSIGNGLVIDAE
TESVVIKPKQGFGGLGGRYVLPTALANINAFYRRCPGKLIFGCGGVYTGEDAFLHVLAGASMVQVGTALQEEGPSIFERL
TSELLGVMAKKRYQTLDEFRGKVRTL
;
_entity_poly.pdbx_strand_id   A,B
#
# COMPACT_ATOMS: atom_id res chain seq x y z
N GLY A 33 0.59 -39.75 -5.32
CA GLY A 33 1.43 -38.69 -5.96
C GLY A 33 2.60 -38.23 -5.10
N SER A 34 3.81 -38.36 -5.63
CA SER A 34 4.99 -37.92 -4.89
C SER A 34 5.17 -36.40 -5.09
N MET A 35 5.38 -35.69 -3.99
CA MET A 35 5.42 -34.24 -4.04
C MET A 35 6.67 -33.73 -3.39
N SER A 36 7.04 -32.49 -3.72
CA SER A 36 8.27 -31.93 -3.19
C SER A 36 8.19 -30.42 -3.22
N LEU A 37 8.54 -29.82 -2.10
CA LEU A 37 8.64 -28.36 -1.99
C LEU A 37 10.07 -27.94 -2.19
N GLN A 38 10.90 -28.84 -2.68
CA GLN A 38 12.30 -28.51 -2.84
C GLN A 38 12.52 -27.36 -3.83
N VAL A 39 13.49 -26.52 -3.52
CA VAL A 39 13.83 -25.39 -4.34
C VAL A 39 15.30 -25.45 -4.56
N ASN A 40 15.72 -25.28 -5.79
CA ASN A 40 17.12 -25.22 -6.08
C ASN A 40 17.46 -23.88 -6.68
N LEU A 41 18.28 -23.12 -5.99
CA LEU A 41 18.71 -21.84 -6.51
C LEU A 41 19.94 -21.35 -5.77
N LEU A 42 20.65 -20.41 -6.38
CA LEU A 42 21.85 -19.85 -5.79
C LEU A 42 22.81 -20.94 -5.31
N ASN A 43 22.95 -21.99 -6.13
N ASN A 43 22.98 -21.97 -6.15
CA ASN A 43 23.89 -23.06 -5.84
CA ASN A 43 23.89 -23.09 -5.85
C ASN A 43 23.58 -23.74 -4.51
C ASN A 43 23.58 -23.76 -4.52
N ASN A 44 22.30 -23.72 -4.14
CA ASN A 44 21.86 -24.36 -2.93
C ASN A 44 20.63 -25.17 -3.19
N THR A 45 20.34 -26.10 -2.28
CA THR A 45 19.11 -26.84 -2.30
C THR A 45 18.38 -26.51 -1.03
N PHE A 46 17.10 -26.19 -1.16
CA PHE A 46 16.27 -25.87 -0.03
C PHE A 46 15.22 -26.91 0.06
N ALA A 47 14.94 -27.38 1.28
CA ALA A 47 13.93 -28.40 1.47
C ALA A 47 12.57 -27.89 1.12
N ASN A 48 12.37 -26.60 1.29
CA ASN A 48 11.09 -25.99 0.96
C ASN A 48 11.33 -24.48 0.80
N PRO A 49 10.37 -23.75 0.21
CA PRO A 49 10.63 -22.36 -0.13
C PRO A 49 10.54 -21.44 1.07
N PHE A 50 10.11 -21.97 2.21
CA PHE A 50 9.77 -21.10 3.33
C PHE A 50 10.97 -20.61 4.08
N MET A 51 10.91 -19.35 4.51
CA MET A 51 11.93 -18.82 5.40
C MET A 51 11.29 -17.67 6.15
N ASN A 52 11.93 -17.19 7.18
CA ASN A 52 11.39 -16.02 7.85
C ASN A 52 11.62 -14.83 6.93
N ALA A 53 10.81 -13.80 7.11
CA ALA A 53 11.10 -12.48 6.56
C ALA A 53 12.19 -11.84 7.42
N ALA A 54 13.10 -11.12 6.81
CA ALA A 54 14.13 -10.45 7.55
C ALA A 54 13.52 -9.60 8.65
N GLY A 55 14.14 -9.65 9.83
CA GLY A 55 13.66 -8.85 10.95
C GLY A 55 12.69 -9.61 11.86
N VAL A 56 12.09 -10.66 11.36
CA VAL A 56 11.16 -11.43 12.17
C VAL A 56 11.84 -12.67 12.69
N MET A 57 11.94 -12.75 14.01
CA MET A 57 12.43 -13.91 14.68
C MET A 57 13.83 -14.30 14.23
N CYS A 58 14.74 -13.32 14.16
CA CYS A 58 16.02 -13.61 13.57
C CYS A 58 17.06 -12.62 14.05
N THR A 59 16.85 -12.08 15.24
CA THR A 59 17.73 -11.04 15.74
C THR A 59 18.77 -11.63 16.69
N THR A 60 18.33 -12.57 17.52
CA THR A 60 19.21 -13.12 18.56
C THR A 60 19.74 -14.48 18.15
N THR A 61 20.79 -14.92 18.83
CA THR A 61 21.28 -16.27 18.63
C THR A 61 20.14 -17.28 18.75
N GLU A 62 19.35 -17.14 19.80
CA GLU A 62 18.33 -18.12 20.08
C GLU A 62 17.33 -18.15 18.92
N GLU A 63 17.03 -16.97 18.37
CA GLU A 63 16.09 -16.89 17.28
C GLU A 63 16.65 -17.51 16.04
N LEU A 64 17.92 -17.23 15.75
CA LEU A 64 18.57 -17.80 14.58
C LEU A 64 18.62 -19.31 14.71
N VAL A 65 18.99 -19.77 15.89
CA VAL A 65 18.99 -21.21 16.14
C VAL A 65 17.60 -21.80 16.00
N ALA A 66 16.59 -21.14 16.56
CA ALA A 66 15.22 -21.60 16.44
C ALA A 66 14.79 -21.69 14.97
N MET A 67 15.21 -20.72 14.17
CA MET A 67 14.87 -20.69 12.75
C MET A 67 15.61 -21.83 12.05
N THR A 68 16.85 -22.04 12.43
CA THR A 68 17.61 -23.15 11.86
C THR A 68 16.99 -24.51 12.21
N GLU A 69 16.53 -24.66 13.44
CA GLU A 69 15.94 -25.90 13.91
CA GLU A 69 15.95 -25.91 13.90
C GLU A 69 14.55 -26.11 13.35
N SER A 70 13.94 -25.03 12.84
CA SER A 70 12.58 -25.11 12.36
C SER A 70 12.48 -25.88 11.06
N ALA A 71 11.25 -26.09 10.61
CA ALA A 71 10.99 -26.76 9.33
C ALA A 71 11.24 -25.85 8.10
N SER A 72 11.55 -24.59 8.33
CA SER A 72 11.74 -23.65 7.22
C SER A 72 12.83 -24.17 6.29
N GLY A 73 12.73 -23.84 5.01
CA GLY A 73 13.78 -24.21 4.07
C GLY A 73 15.01 -23.34 4.23
N SER A 74 14.82 -22.13 4.75
CA SER A 74 15.97 -21.25 4.98
C SER A 74 15.64 -20.26 6.08
N LEU A 75 16.51 -19.30 6.29
CA LEU A 75 16.26 -18.23 7.23
C LEU A 75 17.13 -17.08 6.82
N VAL A 76 16.81 -15.89 7.31
CA VAL A 76 17.61 -14.74 7.02
C VAL A 76 17.78 -14.01 8.33
N SER A 77 18.97 -13.53 8.57
CA SER A 77 19.24 -12.82 9.81
C SER A 77 18.66 -11.43 9.79
N LYS A 78 18.34 -10.91 10.97
CA LYS A 78 17.86 -9.54 11.08
C LYS A 78 18.75 -8.57 10.33
N SER A 79 18.13 -7.66 9.58
CA SER A 79 18.89 -6.63 8.86
C SER A 79 19.85 -5.95 9.79
N CYS A 80 21.10 -5.87 9.40
CA CYS A 80 22.12 -5.43 10.31
C CYS A 80 22.72 -4.12 9.92
N THR A 81 23.21 -3.41 10.94
CA THR A 81 23.98 -2.21 10.75
C THR A 81 25.38 -2.52 11.28
N PRO A 82 26.35 -1.63 10.99
CA PRO A 82 27.71 -2.02 11.37
C PRO A 82 27.84 -2.27 12.89
N ALA A 83 27.08 -1.53 13.68
CA ALA A 83 27.07 -1.65 15.12
C ALA A 83 25.67 -1.97 15.59
N LEU A 84 25.57 -2.54 16.79
CA LEU A 84 24.26 -2.81 17.36
C LEU A 84 23.43 -1.54 17.40
N ARG A 85 22.12 -1.71 17.30
CA ARG A 85 21.18 -0.63 17.42
C ARG A 85 20.12 -1.09 18.36
N GLU A 86 19.75 -0.21 19.29
CA GLU A 86 18.65 -0.49 20.21
C GLU A 86 17.29 -0.44 19.47
N GLY A 87 17.23 0.35 18.40
CA GLY A 87 15.97 0.52 17.69
C GLY A 87 15.11 1.57 18.36
N ASN A 88 13.85 1.63 17.96
CA ASN A 88 12.96 2.69 18.39
C ASN A 88 12.36 2.38 19.73
N PRO A 89 11.88 3.41 20.42
CA PRO A 89 11.14 3.17 21.66
C PRO A 89 9.89 2.32 21.42
N THR A 90 9.48 1.57 22.43
CA THR A 90 8.30 0.72 22.32
C THR A 90 7.07 1.50 22.84
N PRO A 91 5.88 1.06 22.44
CA PRO A 91 5.61 -0.02 21.51
C PRO A 91 6.03 0.36 20.09
N ARG A 92 6.60 -0.58 19.38
CA ARG A 92 7.09 -0.30 18.05
C ARG A 92 6.61 -1.38 17.10
N TYR A 93 5.87 -2.34 17.64
CA TYR A 93 5.24 -3.37 16.83
C TYR A 93 3.87 -3.59 17.41
N GLN A 94 2.89 -3.78 16.55
CA GLN A 94 1.58 -4.13 17.02
C GLN A 94 0.99 -5.11 16.03
N ALA A 95 0.61 -6.28 16.53
CA ALA A 95 -0.16 -7.22 15.74
C ALA A 95 -1.58 -6.71 15.63
N LEU A 96 -2.21 -7.02 14.50
CA LEU A 96 -3.52 -6.50 14.17
C LEU A 96 -4.32 -7.61 13.54
N PRO A 97 -5.64 -7.49 13.57
CA PRO A 97 -6.49 -8.47 12.93
C PRO A 97 -6.06 -8.74 11.49
N LEU A 98 -5.63 -7.71 10.75
CA LEU A 98 -5.29 -7.91 9.33
C LEU A 98 -3.82 -7.85 9.05
N GLY A 99 -2.99 -7.92 10.09
CA GLY A 99 -1.57 -7.89 9.84
C GLY A 99 -0.80 -7.35 11.02
N SER A 100 0.04 -6.39 10.75
CA SER A 100 0.87 -5.81 11.78
C SER A 100 1.27 -4.46 11.32
N ILE A 101 1.70 -3.65 12.26
CA ILE A 101 2.36 -2.42 11.92
C ILE A 101 3.62 -2.34 12.77
N ASN A 102 4.70 -1.82 12.21
CA ASN A 102 5.89 -1.74 13.04
C ASN A 102 6.71 -0.58 12.63
N SER A 103 7.39 0.00 13.60
CA SER A 103 8.47 0.90 13.30
CA SER A 103 8.50 0.89 13.29
C SER A 103 9.60 0.48 14.22
N MET A 104 10.17 -0.68 13.97
CA MET A 104 11.14 -1.22 14.91
C MET A 104 12.32 -0.27 15.13
N GLY A 105 12.78 0.38 14.06
CA GLY A 105 13.93 1.28 14.14
C GLY A 105 15.23 0.50 13.93
N LEU A 106 15.13 -0.63 13.25
CA LEU A 106 16.33 -1.40 12.89
C LEU A 106 17.15 -1.86 14.12
N PRO A 107 16.47 -2.38 15.14
CA PRO A 107 17.24 -2.92 16.28
C PRO A 107 17.90 -4.18 15.81
N ASN A 108 19.20 -4.30 16.07
CA ASN A 108 19.90 -5.47 15.66
C ASN A 108 21.21 -5.51 16.40
N ASN A 109 21.82 -6.68 16.42
CA ASN A 109 23.00 -6.91 17.23
C ASN A 109 24.27 -6.42 16.59
N GLY A 110 24.12 -5.86 15.39
CA GLY A 110 25.25 -5.33 14.66
C GLY A 110 25.86 -6.39 13.76
N PHE A 111 26.53 -5.92 12.71
CA PHE A 111 27.09 -6.78 11.69
C PHE A 111 28.05 -7.84 12.20
N ASP A 112 28.95 -7.50 13.12
CA ASP A 112 29.89 -8.51 13.62
C ASP A 112 29.12 -9.73 14.10
N PHE A 113 28.01 -9.49 14.79
CA PHE A 113 27.25 -10.58 15.39
C PHE A 113 26.71 -11.53 14.34
N TYR A 114 26.08 -10.96 13.32
CA TYR A 114 25.46 -11.78 12.28
C TYR A 114 26.52 -12.40 11.42
N LEU A 115 27.62 -11.70 11.20
CA LEU A 115 28.74 -12.27 10.47
C LEU A 115 29.27 -13.49 11.21
N ALA A 116 29.45 -13.36 12.52
CA ALA A 116 30.00 -14.45 13.33
C ALA A 116 29.05 -15.61 13.36
N TYR A 117 27.76 -15.31 13.43
CA TYR A 117 26.78 -16.36 13.35
C TYR A 117 26.97 -17.11 12.03
N ALA A 118 27.11 -16.36 10.92
CA ALA A 118 27.24 -16.99 9.61
C ALA A 118 28.57 -17.72 9.48
N ALA A 119 29.61 -17.16 10.07
CA ALA A 119 30.96 -17.71 9.89
C ALA A 119 31.19 -18.94 10.74
N GLU A 120 30.73 -18.93 11.97
N GLU A 120 30.65 -18.90 11.96
CA GLU A 120 31.13 -19.97 12.90
CA GLU A 120 31.14 -19.72 13.05
C GLU A 120 29.97 -20.79 13.43
C GLU A 120 30.05 -20.59 13.70
N GLN A 121 28.79 -20.19 13.57
CA GLN A 121 27.71 -20.90 14.26
C GLN A 121 26.68 -21.60 13.39
N HIS A 122 26.27 -20.98 12.30
CA HIS A 122 25.17 -21.54 11.57
C HIS A 122 25.51 -22.94 11.07
N ASP A 123 24.55 -23.84 11.19
CA ASP A 123 24.72 -25.18 10.66
C ASP A 123 24.21 -25.24 9.22
N TYR A 124 25.12 -25.09 8.27
CA TYR A 124 24.74 -25.05 6.86
C TYR A 124 24.29 -26.41 6.38
N GLY A 125 24.63 -27.45 7.14
CA GLY A 125 24.10 -28.78 6.87
C GLY A 125 22.59 -28.84 7.05
N LYS A 126 22.03 -27.97 7.87
CA LYS A 126 20.59 -27.96 8.07
CA LYS A 126 20.58 -27.95 8.08
C LYS A 126 19.87 -27.17 6.97
N LYS A 127 20.34 -25.96 6.73
CA LYS A 127 19.74 -25.15 5.68
C LYS A 127 20.64 -23.98 5.35
N PRO A 128 20.47 -23.41 4.14
CA PRO A 128 21.24 -22.26 3.77
C PRO A 128 20.85 -21.07 4.62
N LEU A 129 21.72 -20.09 4.66
CA LEU A 129 21.52 -18.91 5.46
C LEU A 129 21.65 -17.67 4.61
N PHE A 130 20.72 -16.75 4.81
CA PHE A 130 20.78 -15.44 4.22
C PHE A 130 21.10 -14.47 5.34
N LEU A 131 21.92 -13.48 5.02
CA LEU A 131 22.19 -12.43 5.95
C LEU A 131 21.64 -11.16 5.37
N SER A 132 20.74 -10.50 6.09
CA SER A 132 20.19 -9.25 5.64
C SER A 132 21.03 -8.10 6.12
N MET A 133 21.36 -7.22 5.21
CA MET A 133 22.19 -6.10 5.54
C MET A 133 21.41 -4.84 5.30
N SER A 134 21.45 -3.91 6.26
CA SER A 134 20.81 -2.63 6.04
C SER A 134 21.66 -1.47 6.56
N GLY A 135 22.83 -1.28 5.97
CA GLY A 135 23.67 -0.14 6.31
C GLY A 135 22.85 1.13 6.20
N LEU A 136 23.15 2.10 7.04
CA LEU A 136 22.40 3.36 7.04
C LEU A 136 22.98 4.31 6.00
N SER A 137 24.05 3.91 5.34
CA SER A 137 24.57 4.67 4.22
C SER A 137 25.25 3.72 3.26
N MET A 138 25.50 4.19 2.04
CA MET A 138 26.32 3.42 1.16
C MET A 138 27.61 2.98 1.82
N ARG A 139 28.28 3.88 2.53
CA ARG A 139 29.61 3.56 3.09
C ARG A 139 29.52 2.34 4.01
N GLU A 140 28.42 2.26 4.75
CA GLU A 140 28.28 1.22 5.74
C GLU A 140 28.09 -0.10 5.03
N ASN A 141 27.24 -0.10 4.00
CA ASN A 141 27.07 -1.29 3.20
C ASN A 141 28.36 -1.75 2.55
N VAL A 142 29.10 -0.82 2.01
CA VAL A 142 30.39 -1.14 1.43
C VAL A 142 31.31 -1.81 2.43
N GLU A 143 31.45 -1.21 3.61
CA GLU A 143 32.36 -1.79 4.57
CA GLU A 143 32.31 -1.76 4.71
C GLU A 143 31.88 -3.15 5.08
N MET A 144 30.58 -3.31 5.33
CA MET A 144 30.10 -4.61 5.74
C MET A 144 30.27 -5.65 4.63
N CYS A 145 29.96 -5.25 3.40
CA CYS A 145 30.12 -6.17 2.28
C CYS A 145 31.55 -6.61 2.11
N LYS A 146 32.49 -5.69 2.26
CA LYS A 146 33.87 -6.06 2.12
C LYS A 146 34.24 -7.18 3.08
N ARG A 147 33.69 -7.14 4.30
CA ARG A 147 33.99 -8.17 5.29
CA ARG A 147 34.00 -8.18 5.29
C ARG A 147 33.16 -9.42 5.08
N LEU A 148 31.93 -9.24 4.59
CA LEU A 148 31.06 -10.37 4.37
C LEU A 148 31.60 -11.29 3.28
N ALA A 149 32.23 -10.69 2.28
CA ALA A 149 32.72 -11.43 1.13
C ALA A 149 33.40 -12.73 1.52
N ALA A 150 34.29 -12.68 2.50
CA ALA A 150 35.09 -13.88 2.78
C ALA A 150 34.22 -14.94 3.40
N VAL A 151 33.28 -14.52 4.23
CA VAL A 151 32.40 -15.48 4.90
C VAL A 151 31.44 -16.10 3.88
N ALA A 152 30.94 -15.27 2.96
CA ALA A 152 30.13 -15.79 1.87
C ALA A 152 30.94 -16.86 1.11
N THR A 153 32.16 -16.50 0.76
CA THR A 153 33.04 -17.41 0.02
C THR A 153 33.24 -18.71 0.79
N GLU A 154 33.61 -18.58 2.06
CA GLU A 154 34.00 -19.76 2.83
C GLU A 154 32.81 -20.60 3.29
N LYS A 155 31.71 -19.95 3.64
CA LYS A 155 30.61 -20.63 4.34
C LYS A 155 29.32 -20.70 3.50
N GLY A 156 29.17 -19.78 2.55
CA GLY A 156 28.06 -19.83 1.60
C GLY A 156 26.86 -19.01 2.04
N VAL A 157 27.02 -18.24 3.11
CA VAL A 157 25.98 -17.28 3.48
C VAL A 157 25.67 -16.39 2.28
N ILE A 158 24.40 -16.03 2.11
CA ILE A 158 23.96 -15.27 0.94
C ILE A 158 23.41 -13.95 1.42
N LEU A 159 23.91 -12.87 0.85
CA LEU A 159 23.49 -11.53 1.21
C LEU A 159 22.09 -11.21 0.67
N GLU A 160 21.21 -10.76 1.55
CA GLU A 160 20.01 -10.08 1.10
C GLU A 160 20.18 -8.63 1.50
N LEU A 161 20.37 -7.78 0.51
CA LEU A 161 20.63 -6.39 0.77
C LEU A 161 19.32 -5.63 0.89
N ASN A 162 19.08 -5.10 2.08
CA ASN A 162 17.84 -4.39 2.33
C ASN A 162 17.92 -3.00 1.68
N LEU A 163 17.19 -2.81 0.58
CA LEU A 163 17.13 -1.51 -0.07
C LEU A 163 15.90 -0.71 0.34
N SER A 164 15.15 -1.23 1.32
CA SER A 164 13.79 -0.70 1.64
C SER A 164 13.61 -0.49 3.14
N CYS A 165 14.72 -0.23 3.82
CA CYS A 165 14.75 -0.20 5.28
C CYS A 165 13.88 0.89 5.91
N GLN A 173 12.84 3.39 1.71
CA GLN A 173 13.37 4.72 1.40
C GLN A 173 14.32 4.68 0.20
N VAL A 174 15.44 3.99 0.36
CA VAL A 174 16.47 3.92 -0.68
C VAL A 174 15.88 3.59 -2.06
N ALA A 175 15.15 2.47 -2.13
CA ALA A 175 14.55 2.06 -3.39
C ALA A 175 13.29 2.88 -3.79
N TYR A 176 12.90 3.87 -2.98
CA TYR A 176 11.91 4.88 -3.45
C TYR A 176 12.62 6.08 -4.05
N ASP A 177 13.95 6.05 -3.94
CA ASP A 177 14.78 6.99 -4.62
C ASP A 177 15.65 6.17 -5.56
N PHE A 178 15.31 6.17 -6.83
CA PHE A 178 16.00 5.28 -7.76
C PHE A 178 17.46 5.60 -7.94
N ASP A 179 17.82 6.86 -7.72
CA ASP A 179 19.22 7.23 -7.76
C ASP A 179 19.95 6.66 -6.56
N ALA A 180 19.38 6.80 -5.37
CA ALA A 180 20.01 6.25 -4.20
C ALA A 180 20.13 4.73 -4.35
N MET A 181 19.13 4.11 -5.00
CA MET A 181 19.13 2.67 -5.22
C MET A 181 20.23 2.29 -6.17
N ARG A 182 20.33 3.01 -7.28
CA ARG A 182 21.36 2.70 -8.21
C ARG A 182 22.73 2.80 -7.53
N GLN A 183 22.93 3.86 -6.75
CA GLN A 183 24.24 4.08 -6.17
CA GLN A 183 24.24 4.10 -6.13
C GLN A 183 24.56 2.97 -5.16
N CYS A 184 23.58 2.63 -4.33
CA CYS A 184 23.74 1.56 -3.37
C CYS A 184 24.14 0.24 -4.05
N LEU A 185 23.42 -0.13 -5.10
CA LEU A 185 23.71 -1.37 -5.80
C LEU A 185 25.03 -1.31 -6.50
N THR A 186 25.31 -0.17 -7.13
CA THR A 186 26.58 0.03 -7.78
C THR A 186 27.70 -0.20 -6.79
N ALA A 187 27.62 0.45 -5.63
CA ALA A 187 28.68 0.35 -4.66
C ALA A 187 28.85 -1.07 -4.16
N VAL A 188 27.74 -1.69 -3.77
CA VAL A 188 27.81 -3.08 -3.31
C VAL A 188 28.33 -3.98 -4.42
N SER A 189 27.83 -3.79 -5.64
CA SER A 189 28.29 -4.65 -6.74
C SER A 189 29.77 -4.45 -6.99
N GLU A 190 30.25 -3.24 -6.76
CA GLU A 190 31.63 -2.93 -7.00
C GLU A 190 32.53 -3.68 -6.02
N VAL A 191 32.11 -3.75 -4.76
CA VAL A 191 32.99 -4.27 -3.73
C VAL A 191 32.69 -5.72 -3.32
N TYR A 192 31.54 -6.21 -3.69
CA TYR A 192 31.09 -7.48 -3.18
C TYR A 192 31.12 -8.49 -4.30
N PRO A 193 32.01 -9.51 -4.20
CA PRO A 193 32.33 -10.40 -5.30
C PRO A 193 31.46 -11.62 -5.30
N HIS A 194 30.16 -11.44 -5.05
CA HIS A 194 29.26 -12.56 -5.04
C HIS A 194 27.94 -12.06 -5.55
N SER A 195 27.10 -13.01 -5.94
CA SER A 195 25.71 -12.72 -6.19
CA SER A 195 25.71 -12.70 -6.19
C SER A 195 25.05 -12.38 -4.86
N PHE A 196 23.98 -11.62 -4.91
CA PHE A 196 23.26 -11.29 -3.73
C PHE A 196 21.86 -10.99 -4.17
N GLY A 197 21.00 -10.71 -3.21
CA GLY A 197 19.64 -10.37 -3.52
C GLY A 197 19.33 -9.02 -2.93
N VAL A 198 18.19 -8.47 -3.30
CA VAL A 198 17.77 -7.18 -2.78
C VAL A 198 16.36 -7.29 -2.24
N LYS A 199 16.16 -6.68 -1.07
CA LYS A 199 14.85 -6.64 -0.47
C LYS A 199 14.22 -5.32 -0.86
N MET A 200 13.11 -5.41 -1.58
CA MET A 200 12.52 -4.21 -2.20
C MET A 200 11.30 -3.75 -1.42
N PRO A 201 11.09 -2.44 -1.38
CA PRO A 201 9.83 -1.93 -0.93
C PRO A 201 8.83 -2.18 -2.05
N PRO A 202 7.53 -2.17 -1.71
CA PRO A 202 6.51 -2.29 -2.74
C PRO A 202 6.47 -1.07 -3.63
N TYR A 203 6.22 -1.29 -4.91
CA TYR A 203 5.87 -0.21 -5.82
C TYR A 203 4.44 -0.36 -6.19
N PHE A 204 3.89 0.70 -6.78
CA PHE A 204 2.46 0.80 -6.94
C PHE A 204 2.07 1.28 -8.33
N ASP A 205 3.02 1.25 -9.25
CA ASP A 205 2.67 1.47 -10.65
C ASP A 205 3.71 0.93 -11.59
N PHE A 206 3.32 0.79 -12.85
CA PHE A 206 4.17 0.09 -13.77
C PHE A 206 5.39 0.91 -14.08
N ALA A 207 5.25 2.23 -14.05
CA ALA A 207 6.37 3.09 -14.34
C ALA A 207 7.46 2.77 -13.34
N HIS A 208 7.07 2.53 -12.08
CA HIS A 208 8.05 2.22 -11.04
C HIS A 208 8.53 0.81 -11.16
N PHE A 209 7.63 -0.14 -11.48
CA PHE A 209 8.08 -1.50 -11.70
C PHE A 209 9.14 -1.48 -12.79
N ASP A 210 8.88 -0.69 -13.84
CA ASP A 210 9.81 -0.63 -14.98
C ASP A 210 11.12 0.04 -14.60
N ALA A 211 11.04 1.15 -13.88
CA ALA A 211 12.24 1.85 -13.46
C ALA A 211 13.09 0.98 -12.51
N ALA A 212 12.45 0.34 -11.54
CA ALA A 212 13.18 -0.50 -10.62
C ALA A 212 13.79 -1.69 -11.33
N ALA A 213 13.01 -2.38 -12.17
CA ALA A 213 13.54 -3.54 -12.91
C ALA A 213 14.70 -3.13 -13.80
N GLU A 214 14.57 -1.98 -14.44
CA GLU A 214 15.62 -1.51 -15.34
C GLU A 214 16.93 -1.40 -14.57
N ILE A 215 16.87 -0.79 -13.40
CA ILE A 215 18.03 -0.68 -12.54
C ILE A 215 18.54 -2.05 -12.10
N LEU A 216 17.66 -2.87 -11.54
CA LEU A 216 18.08 -4.20 -11.08
C LEU A 216 18.71 -5.01 -12.19
N ASN A 217 18.15 -4.92 -13.39
CA ASN A 217 18.68 -5.67 -14.53
C ASN A 217 20.08 -5.22 -14.96
N GLU A 218 20.47 -4.05 -14.52
CA GLU A 218 21.80 -3.55 -14.81
C GLU A 218 22.84 -4.20 -13.93
N PHE A 219 22.39 -4.98 -12.95
CA PHE A 219 23.32 -5.61 -12.00
C PHE A 219 23.21 -7.13 -11.98
N PRO A 220 24.09 -7.80 -12.74
CA PRO A 220 23.98 -9.26 -12.82
C PRO A 220 24.24 -9.99 -11.50
N LYS A 221 24.88 -9.32 -10.55
CA LYS A 221 25.12 -9.96 -9.24
C LYS A 221 23.81 -10.04 -8.43
N VAL A 222 22.86 -9.19 -8.76
CA VAL A 222 21.59 -9.23 -8.06
C VAL A 222 20.86 -10.41 -8.67
N GLN A 223 20.85 -11.52 -7.96
CA GLN A 223 20.29 -12.76 -8.51
CA GLN A 223 20.30 -12.77 -8.50
C GLN A 223 18.95 -13.12 -7.89
N PHE A 224 18.60 -12.43 -6.81
CA PHE A 224 17.23 -12.53 -6.36
C PHE A 224 16.69 -11.20 -5.92
N ILE A 225 15.39 -11.06 -6.00
CA ILE A 225 14.74 -9.86 -5.58
C ILE A 225 13.65 -10.30 -4.62
N THR A 226 13.65 -9.74 -3.42
CA THR A 226 12.66 -10.09 -2.46
C THR A 226 11.65 -9.00 -2.45
N CYS A 227 10.42 -9.37 -2.80
CA CYS A 227 9.29 -8.46 -2.85
C CYS A 227 8.27 -9.03 -1.85
N ILE A 228 7.97 -8.33 -0.74
CA ILE A 228 8.24 -6.93 -0.57
C ILE A 228 8.56 -6.68 0.90
N ASN A 229 9.13 -5.53 1.16
CA ASN A 229 9.16 -5.02 2.49
C ASN A 229 7.76 -4.52 2.82
N SER A 230 7.60 -3.95 3.99
CA SER A 230 6.32 -3.42 4.40
C SER A 230 5.73 -2.48 3.41
N ILE A 231 4.41 -2.37 3.44
CA ILE A 231 3.78 -1.21 2.87
C ILE A 231 4.06 -0.05 3.85
N GLY A 232 4.87 0.90 3.41
CA GLY A 232 5.46 1.90 4.32
C GLY A 232 4.47 2.86 4.93
N ASN A 233 4.72 3.19 6.19
CA ASN A 233 4.04 4.33 6.79
C ASN A 233 2.54 4.33 6.67
N GLY A 234 1.94 3.21 7.02
CA GLY A 234 0.53 3.17 7.31
C GLY A 234 0.36 3.80 8.70
N LEU A 235 -0.88 4.06 9.09
CA LEU A 235 -1.15 4.64 10.38
C LEU A 235 -2.31 3.88 10.94
N VAL A 236 -2.05 3.08 11.96
CA VAL A 236 -3.11 2.34 12.61
C VAL A 236 -3.64 3.18 13.76
N ILE A 237 -4.95 3.34 13.82
CA ILE A 237 -5.57 4.04 14.93
C ILE A 237 -6.53 3.11 15.64
N ASP A 238 -6.39 3.05 16.94
CA ASP A 238 -7.22 2.21 17.77
C ASP A 238 -8.44 3.04 18.12
N ALA A 239 -9.63 2.60 17.69
CA ALA A 239 -10.84 3.42 17.90
C ALA A 239 -11.16 3.54 19.38
N GLU A 240 -10.84 2.50 20.15
CA GLU A 240 -11.13 2.51 21.58
C GLU A 240 -10.30 3.57 22.29
N THR A 241 -9.00 3.60 22.04
CA THR A 241 -8.11 4.53 22.73
C THR A 241 -8.00 5.87 22.04
N GLU A 242 -8.55 5.98 20.83
CA GLU A 242 -8.41 7.19 20.01
C GLU A 242 -6.96 7.58 19.87
N SER A 243 -6.12 6.57 19.75
CA SER A 243 -4.71 6.81 19.63
C SER A 243 -4.09 5.91 18.56
N VAL A 244 -2.88 6.28 18.14
CA VAL A 244 -2.05 5.39 17.36
C VAL A 244 -1.61 4.22 18.25
N VAL A 245 -0.91 3.25 17.69
CA VAL A 245 -0.65 2.02 18.44
C VAL A 245 0.82 1.75 18.50
N ILE A 246 1.61 2.53 17.78
CA ILE A 246 3.04 2.47 18.00
C ILE A 246 3.56 3.84 18.33
N LYS A 247 4.69 3.87 19.03
CA LYS A 247 5.16 5.13 19.57
C LYS A 247 6.02 5.95 18.58
N PRO A 248 6.93 5.30 17.85
CA PRO A 248 7.79 6.09 16.97
C PRO A 248 6.98 6.74 15.89
N LYS A 249 7.49 7.84 15.36
CA LYS A 249 7.01 8.42 14.11
C LYS A 249 5.52 8.73 14.16
N GLN A 250 5.02 9.18 15.32
CA GLN A 250 3.62 9.53 15.47
C GLN A 250 2.68 8.41 15.10
N GLY A 251 3.15 7.19 15.21
CA GLY A 251 2.30 6.05 15.02
C GLY A 251 2.37 5.49 13.62
N PHE A 252 3.12 6.15 12.74
CA PHE A 252 3.28 5.66 11.37
C PHE A 252 4.28 4.54 11.35
N GLY A 253 3.96 3.49 10.63
CA GLY A 253 4.88 2.36 10.57
C GLY A 253 4.52 1.45 9.42
N GLY A 254 5.43 0.51 9.14
CA GLY A 254 5.26 -0.40 7.98
C GLY A 254 4.17 -1.40 8.24
N LEU A 255 3.33 -1.62 7.24
CA LEU A 255 2.27 -2.59 7.36
C LEU A 255 2.75 -3.93 6.82
N GLY A 256 2.40 -5.00 7.51
CA GLY A 256 2.67 -6.34 7.02
C GLY A 256 1.41 -7.15 7.19
N GLY A 257 1.43 -8.37 6.68
CA GLY A 257 0.31 -9.29 6.97
C GLY A 257 -0.74 -9.26 5.89
N ARG A 258 -2.00 -9.50 6.27
CA ARG A 258 -3.12 -9.60 5.31
CA ARG A 258 -3.04 -9.63 5.25
C ARG A 258 -3.28 -8.34 4.48
N TYR A 259 -2.97 -7.20 5.08
CA TYR A 259 -3.00 -5.93 4.35
C TYR A 259 -2.23 -5.94 3.05
N VAL A 260 -1.12 -6.68 3.04
CA VAL A 260 -0.12 -6.47 2.00
C VAL A 260 -0.11 -7.56 0.94
N LEU A 261 -0.96 -8.57 1.07
CA LEU A 261 -0.82 -9.70 0.15
C LEU A 261 -0.97 -9.31 -1.35
N PRO A 262 -2.03 -8.61 -1.73
CA PRO A 262 -2.12 -8.28 -3.19
C PRO A 262 -0.99 -7.37 -3.65
N THR A 263 -0.52 -6.47 -2.79
CA THR A 263 0.64 -5.67 -3.16
C THR A 263 1.88 -6.54 -3.31
N ALA A 264 2.04 -7.50 -2.40
CA ALA A 264 3.19 -8.37 -2.47
C ALA A 264 3.11 -9.17 -3.76
N LEU A 265 1.93 -9.73 -4.03
CA LEU A 265 1.75 -10.52 -5.23
C LEU A 265 2.05 -9.68 -6.48
N ALA A 266 1.57 -8.43 -6.46
CA ALA A 266 1.79 -7.52 -7.60
C ALA A 266 3.27 -7.34 -7.79
N ASN A 267 4.00 -7.15 -6.71
CA ASN A 267 5.40 -6.86 -6.85
C ASN A 267 6.18 -8.07 -7.25
N ILE A 268 5.87 -9.20 -6.61
CA ILE A 268 6.49 -10.46 -7.01
C ILE A 268 6.32 -10.65 -8.50
N ASN A 269 5.08 -10.55 -8.95
CA ASN A 269 4.81 -10.86 -10.34
C ASN A 269 5.44 -9.83 -11.26
N ALA A 270 5.38 -8.57 -10.86
CA ALA A 270 5.91 -7.49 -11.68
C ALA A 270 7.37 -7.69 -11.93
N PHE A 271 8.12 -8.01 -10.88
CA PHE A 271 9.51 -8.22 -11.05
C PHE A 271 9.80 -9.59 -11.62
N TYR A 272 8.93 -10.54 -11.34
CA TYR A 272 9.09 -11.86 -11.98
C TYR A 272 9.08 -11.69 -13.51
N ARG A 273 8.16 -10.87 -13.98
CA ARG A 273 8.02 -10.63 -15.42
C ARG A 273 9.16 -9.79 -15.96
N ARG A 274 9.53 -8.76 -15.20
CA ARG A 274 10.49 -7.77 -15.68
C ARG A 274 11.96 -8.14 -15.46
N CYS A 275 12.22 -9.09 -14.58
CA CYS A 275 13.60 -9.51 -14.33
C CYS A 275 13.73 -11.00 -14.55
N PRO A 276 13.54 -11.43 -15.80
CA PRO A 276 13.54 -12.84 -16.14
C PRO A 276 14.87 -13.50 -15.83
N GLY A 277 15.94 -12.71 -15.73
CA GLY A 277 17.26 -13.25 -15.37
C GLY A 277 17.39 -13.54 -13.87
N LYS A 278 16.38 -13.18 -13.08
CA LYS A 278 16.56 -13.17 -11.63
C LYS A 278 15.47 -13.99 -10.95
N LEU A 279 15.77 -14.43 -9.73
CA LEU A 279 14.78 -15.08 -8.91
C LEU A 279 14.01 -14.05 -8.12
N ILE A 280 12.74 -14.34 -7.85
CA ILE A 280 11.98 -13.49 -6.99
C ILE A 280 11.72 -14.26 -5.70
N PHE A 281 11.98 -13.64 -4.56
CA PHE A 281 11.52 -14.24 -3.29
C PHE A 281 10.29 -13.48 -2.90
N GLY A 282 9.25 -14.20 -2.50
CA GLY A 282 8.03 -13.53 -2.13
C GLY A 282 8.11 -13.20 -0.65
N CYS A 283 7.53 -12.07 -0.28
CA CYS A 283 7.41 -11.75 1.13
C CYS A 283 6.22 -10.86 1.29
N GLY A 284 5.29 -11.22 2.17
CA GLY A 284 4.14 -10.36 2.39
C GLY A 284 2.84 -11.10 2.43
N GLY A 285 2.21 -11.13 3.60
CA GLY A 285 0.85 -11.63 3.68
C GLY A 285 0.73 -13.14 3.70
N VAL A 286 1.83 -13.83 3.95
CA VAL A 286 1.78 -15.31 3.98
C VAL A 286 1.39 -15.78 5.36
N TYR A 287 0.19 -16.34 5.46
CA TYR A 287 -0.25 -16.97 6.71
C TYR A 287 -0.52 -18.44 6.49
N THR A 288 -0.76 -18.84 5.23
CA THR A 288 -1.20 -20.21 4.95
C THR A 288 -0.44 -20.77 3.75
N GLY A 289 -0.49 -22.09 3.61
CA GLY A 289 0.04 -22.72 2.42
C GLY A 289 -0.62 -22.12 1.20
N GLU A 290 -1.88 -21.74 1.31
CA GLU A 290 -2.58 -21.22 0.16
C GLU A 290 -1.97 -19.88 -0.23
N ASP A 291 -1.70 -19.04 0.77
CA ASP A 291 -1.05 -17.76 0.50
C ASP A 291 0.28 -18.02 -0.16
N ALA A 292 1.02 -19.00 0.34
CA ALA A 292 2.34 -19.31 -0.22
C ALA A 292 2.18 -19.75 -1.68
N PHE A 293 1.14 -20.53 -1.93
CA PHE A 293 0.87 -21.02 -3.25
C PHE A 293 0.68 -19.81 -4.20
N LEU A 294 -0.07 -18.82 -3.73
CA LEU A 294 -0.26 -17.58 -4.50
C LEU A 294 1.08 -16.90 -4.79
N HIS A 295 1.96 -16.83 -3.79
CA HIS A 295 3.26 -16.23 -4.01
C HIS A 295 3.98 -16.94 -5.12
N VAL A 296 3.95 -18.27 -5.06
CA VAL A 296 4.70 -19.02 -6.04
C VAL A 296 4.04 -18.88 -7.41
N LEU A 297 2.72 -18.95 -7.45
CA LEU A 297 2.03 -18.72 -8.74
C LEU A 297 2.45 -17.39 -9.36
N ALA A 298 2.61 -16.40 -8.51
CA ALA A 298 2.94 -15.05 -8.95
C ALA A 298 4.38 -15.00 -9.44
N GLY A 299 5.18 -15.97 -9.01
CA GLY A 299 6.56 -16.07 -9.47
C GLY A 299 7.63 -16.31 -8.40
N ALA A 300 7.21 -16.40 -7.13
CA ALA A 300 8.16 -16.56 -6.02
C ALA A 300 8.88 -17.91 -6.06
N SER A 301 10.18 -17.88 -5.79
CA SER A 301 10.99 -19.07 -5.61
C SER A 301 11.03 -19.42 -4.12
N MET A 302 11.41 -18.46 -3.29
CA MET A 302 11.29 -18.63 -1.84
C MET A 302 10.13 -17.80 -1.39
N VAL A 303 9.59 -18.17 -0.26
CA VAL A 303 8.48 -17.49 0.32
C VAL A 303 8.82 -17.15 1.77
N GLN A 304 8.85 -15.86 2.06
CA GLN A 304 9.21 -15.39 3.38
C GLN A 304 7.98 -15.07 4.18
N VAL A 305 8.10 -15.28 5.46
CA VAL A 305 6.95 -15.17 6.34
C VAL A 305 7.37 -14.25 7.47
N GLY A 306 6.66 -13.13 7.61
CA GLY A 306 6.99 -12.15 8.62
C GLY A 306 5.93 -12.15 9.69
N THR A 307 4.92 -11.32 9.48
CA THR A 307 3.89 -11.11 10.49
C THR A 307 3.37 -12.43 11.07
N ALA A 308 3.04 -13.39 10.21
CA ALA A 308 2.42 -14.64 10.66
C ALA A 308 3.34 -15.38 11.59
N LEU A 309 4.62 -15.38 11.23
CA LEU A 309 5.65 -16.00 12.00
C LEU A 309 5.81 -15.29 13.32
N GLN A 310 5.80 -13.95 13.27
CA GLN A 310 5.89 -13.17 14.50
C GLN A 310 4.83 -13.62 15.48
N GLU A 311 3.64 -13.85 14.97
CA GLU A 311 2.53 -14.20 15.79
C GLU A 311 2.54 -15.66 16.24
N GLU A 312 3.08 -16.54 15.41
CA GLU A 312 2.90 -17.97 15.60
C GLU A 312 4.17 -18.65 16.09
N GLY A 313 5.33 -18.07 15.81
CA GLY A 313 6.60 -18.71 16.17
C GLY A 313 7.01 -19.69 15.10
N PRO A 314 8.26 -20.17 15.15
CA PRO A 314 8.81 -20.95 14.04
C PRO A 314 8.10 -22.27 13.78
N SER A 315 7.22 -22.70 14.69
CA SER A 315 6.42 -23.91 14.43
C SER A 315 5.57 -23.70 13.18
N ILE A 316 5.40 -22.46 12.80
CA ILE A 316 4.55 -22.14 11.67
C ILE A 316 5.05 -22.82 10.41
N PHE A 317 6.35 -23.07 10.32
CA PHE A 317 6.89 -23.63 9.09
C PHE A 317 6.44 -25.05 8.88
N GLU A 318 6.14 -25.75 9.98
CA GLU A 318 5.68 -27.12 9.84
C GLU A 318 4.26 -27.08 9.31
N ARG A 319 3.48 -26.10 9.78
CA ARG A 319 2.12 -25.93 9.31
C ARG A 319 2.13 -25.49 7.85
N LEU A 320 3.04 -24.59 7.51
CA LEU A 320 3.02 -24.02 6.17
C LEU A 320 3.46 -25.06 5.15
N THR A 321 4.46 -25.85 5.47
CA THR A 321 4.91 -26.84 4.51
C THR A 321 3.78 -27.83 4.30
N SER A 322 3.16 -28.23 5.40
CA SER A 322 2.07 -29.18 5.34
C SER A 322 0.94 -28.62 4.50
N GLU A 323 0.60 -27.36 4.74
CA GLU A 323 -0.50 -26.77 4.03
C GLU A 323 -0.19 -26.60 2.57
N LEU A 324 1.02 -26.19 2.24
CA LEU A 324 1.35 -25.95 0.85
C LEU A 324 1.34 -27.28 0.10
N LEU A 325 1.85 -28.32 0.74
CA LEU A 325 1.75 -29.65 0.16
C LEU A 325 0.30 -30.06 -0.07
N GLY A 326 -0.56 -29.78 0.92
CA GLY A 326 -1.98 -30.02 0.81
C GLY A 326 -2.61 -29.30 -0.34
N VAL A 327 -2.30 -28.02 -0.49
CA VAL A 327 -2.79 -27.28 -1.62
C VAL A 327 -2.35 -27.91 -2.91
N MET A 328 -1.07 -28.25 -2.99
CA MET A 328 -0.54 -28.84 -4.21
C MET A 328 -1.20 -30.20 -4.47
N ALA A 329 -1.44 -30.93 -3.40
CA ALA A 329 -2.10 -32.23 -3.52
C ALA A 329 -3.50 -32.09 -4.10
N LYS A 330 -4.29 -31.18 -3.55
CA LYS A 330 -5.62 -30.94 -4.05
C LYS A 330 -5.60 -30.46 -5.51
N LYS A 331 -4.50 -29.82 -5.90
CA LYS A 331 -4.43 -29.21 -7.24
C LYS A 331 -3.68 -30.07 -8.20
N ARG A 332 -3.12 -31.17 -7.70
CA ARG A 332 -2.35 -32.12 -8.52
C ARG A 332 -1.05 -31.55 -9.06
N TYR A 333 -0.36 -30.81 -8.19
CA TYR A 333 0.97 -30.36 -8.45
C TYR A 333 1.94 -31.20 -7.65
N GLN A 334 3.07 -31.52 -8.25
CA GLN A 334 4.07 -32.30 -7.55
C GLN A 334 5.26 -31.47 -7.16
N THR A 335 5.54 -30.45 -7.95
CA THR A 335 6.68 -29.59 -7.68
C THR A 335 6.27 -28.13 -7.84
N LEU A 336 7.04 -27.27 -7.22
CA LEU A 336 6.81 -25.84 -7.32
C LEU A 336 7.03 -25.34 -8.73
N ASP A 337 8.04 -25.92 -9.42
CA ASP A 337 8.32 -25.56 -10.81
C ASP A 337 7.08 -25.64 -11.69
N GLU A 338 6.16 -26.50 -11.32
CA GLU A 338 5.02 -26.78 -12.17
C GLU A 338 4.07 -25.63 -12.26
N PHE A 339 4.04 -24.76 -11.26
CA PHE A 339 3.15 -23.62 -11.33
C PHE A 339 3.79 -22.30 -10.98
N ARG A 340 5.07 -22.30 -10.63
CA ARG A 340 5.71 -21.01 -10.32
C ARG A 340 5.60 -20.00 -11.47
N GLY A 341 5.08 -18.81 -11.16
CA GLY A 341 4.92 -17.75 -12.15
C GLY A 341 3.85 -18.02 -13.19
N LYS A 342 3.07 -19.08 -13.00
CA LYS A 342 2.12 -19.48 -14.02
C LYS A 342 0.72 -18.89 -13.81
N VAL A 343 0.63 -17.86 -12.98
CA VAL A 343 -0.65 -17.23 -12.74
C VAL A 343 -1.28 -16.87 -14.08
N ARG A 344 -2.55 -17.24 -14.24
CA ARG A 344 -3.23 -17.03 -15.51
C ARG A 344 -3.82 -15.62 -15.58
N THR A 345 -3.54 -14.90 -16.66
CA THR A 345 -4.18 -13.60 -16.87
C THR A 345 -5.39 -13.78 -17.78
N LEU A 346 -6.25 -12.76 -17.82
CA LEU A 346 -7.52 -12.87 -18.52
C LEU A 346 -7.49 -12.13 -19.86
N GLY B 33 -27.67 13.78 25.10
CA GLY B 33 -26.76 14.73 24.39
C GLY B 33 -27.17 14.97 22.94
N SER B 34 -27.28 16.23 22.55
CA SER B 34 -27.58 16.59 21.17
C SER B 34 -26.31 16.47 20.31
N MET B 35 -26.38 15.65 19.28
CA MET B 35 -25.21 15.34 18.49
C MET B 35 -25.45 15.76 17.06
N SER B 36 -24.38 16.03 16.34
CA SER B 36 -24.51 16.48 14.97
C SER B 36 -23.36 15.96 14.15
N LEU B 37 -23.66 15.53 12.94
CA LEU B 37 -22.61 15.13 12.03
C LEU B 37 -22.37 16.23 11.06
N GLN B 38 -22.93 17.40 11.36
CA GLN B 38 -22.80 18.51 10.43
C GLN B 38 -21.35 18.83 10.15
N VAL B 39 -21.07 19.16 8.90
CA VAL B 39 -19.76 19.63 8.52
C VAL B 39 -19.98 20.91 7.76
N ASN B 40 -19.15 21.90 8.04
CA ASN B 40 -19.20 23.15 7.32
C ASN B 40 -17.88 23.44 6.67
N LEU B 41 -17.89 23.51 5.36
CA LEU B 41 -16.68 23.82 4.65
C LEU B 41 -17.02 24.31 3.25
N LEU B 42 -16.09 25.05 2.68
CA LEU B 42 -16.22 25.67 1.35
CA LEU B 42 -16.25 25.56 1.32
C LEU B 42 -17.56 26.35 1.14
N ASN B 43 -17.98 27.09 2.15
CA ASN B 43 -19.22 27.87 2.06
CA ASN B 43 -19.22 27.86 2.11
C ASN B 43 -20.45 26.99 1.98
N ASN B 44 -20.34 25.75 2.43
CA ASN B 44 -21.47 24.85 2.41
C ASN B 44 -21.69 24.19 3.72
N THR B 45 -22.93 23.80 3.97
CA THR B 45 -23.25 22.98 5.12
C THR B 45 -23.57 21.58 4.64
N PHE B 46 -23.00 20.59 5.31
CA PHE B 46 -23.25 19.22 4.94
C PHE B 46 -23.88 18.56 6.13
N ALA B 47 -24.98 17.85 5.90
CA ALA B 47 -25.69 17.19 6.96
C ALA B 47 -24.80 16.22 7.70
N ASN B 48 -23.87 15.62 6.96
CA ASN B 48 -22.95 14.67 7.53
C ASN B 48 -21.74 14.54 6.63
N PRO B 49 -20.67 13.87 7.11
CA PRO B 49 -19.44 13.91 6.35
C PRO B 49 -19.41 12.92 5.20
N PHE B 50 -20.41 12.07 5.10
CA PHE B 50 -20.35 10.96 4.17
C PHE B 50 -20.68 11.34 2.73
N MET B 51 -19.93 10.77 1.82
CA MET B 51 -20.23 10.89 0.40
C MET B 51 -19.67 9.65 -0.26
N ASN B 52 -20.00 9.43 -1.52
CA ASN B 52 -19.41 8.33 -2.24
C ASN B 52 -17.97 8.75 -2.56
N ALA B 53 -17.11 7.76 -2.74
CA ALA B 53 -15.83 7.98 -3.37
C ALA B 53 -16.05 8.17 -4.85
N ALA B 54 -15.26 9.05 -5.47
CA ALA B 54 -15.43 9.28 -6.88
C ALA B 54 -15.29 7.96 -7.64
N GLY B 55 -16.18 7.75 -8.58
CA GLY B 55 -16.11 6.56 -9.39
C GLY B 55 -17.03 5.48 -8.88
N VAL B 56 -17.43 5.55 -7.61
CA VAL B 56 -18.36 4.55 -7.10
C VAL B 56 -19.80 5.07 -7.11
N MET B 57 -20.64 4.38 -7.87
CA MET B 57 -22.06 4.69 -7.92
C MET B 57 -22.33 6.14 -8.23
N CYS B 58 -21.69 6.67 -9.25
CA CYS B 58 -21.84 8.08 -9.55
C CYS B 58 -21.57 8.38 -11.01
N THR B 59 -21.79 7.39 -11.86
CA THR B 59 -21.41 7.53 -13.26
C THR B 59 -22.61 7.97 -14.10
N THR B 60 -23.77 7.39 -13.82
CA THR B 60 -24.96 7.66 -14.60
C THR B 60 -25.87 8.62 -13.89
N THR B 61 -26.84 9.15 -14.62
CA THR B 61 -27.84 9.99 -14.00
C THR B 61 -28.52 9.25 -12.85
N GLU B 62 -28.93 8.03 -13.12
CA GLU B 62 -29.63 7.26 -12.11
C GLU B 62 -28.79 7.20 -10.82
N GLU B 63 -27.49 6.99 -10.98
CA GLU B 63 -26.60 6.85 -9.82
C GLU B 63 -26.49 8.19 -9.09
N LEU B 64 -26.33 9.26 -9.84
CA LEU B 64 -26.17 10.56 -9.24
C LEU B 64 -27.44 10.92 -8.51
N VAL B 65 -28.58 10.58 -9.11
CA VAL B 65 -29.85 10.83 -8.42
C VAL B 65 -29.96 10.02 -7.13
N ALA B 66 -29.61 8.73 -7.20
CA ALA B 66 -29.68 7.88 -6.02
C ALA B 66 -28.77 8.41 -4.93
N MET B 67 -27.57 8.86 -5.32
CA MET B 67 -26.64 9.39 -4.33
C MET B 67 -27.22 10.66 -3.72
N THR B 68 -27.91 11.45 -4.55
CA THR B 68 -28.53 12.69 -4.08
C THR B 68 -29.72 12.37 -3.14
N GLU B 69 -30.46 11.33 -3.48
CA GLU B 69 -31.61 10.90 -2.66
CA GLU B 69 -31.60 10.91 -2.65
C GLU B 69 -31.18 10.15 -1.40
N SER B 70 -29.92 9.67 -1.38
CA SER B 70 -29.41 8.94 -0.24
C SER B 70 -29.23 9.84 0.98
N ALA B 71 -28.88 9.21 2.09
CA ALA B 71 -28.64 9.92 3.35
C ALA B 71 -27.25 10.58 3.38
N SER B 72 -26.46 10.40 2.33
CA SER B 72 -25.09 10.97 2.30
C SER B 72 -25.12 12.48 2.50
N GLY B 73 -24.08 13.02 3.14
CA GLY B 73 -23.93 14.47 3.22
C GLY B 73 -23.62 15.09 1.86
N SER B 74 -23.01 14.30 0.98
CA SER B 74 -22.70 14.82 -0.35
C SER B 74 -22.49 13.72 -1.33
N LEU B 75 -21.98 14.10 -2.51
CA LEU B 75 -21.69 13.13 -3.54
C LEU B 75 -20.72 13.76 -4.48
N VAL B 76 -20.02 12.90 -5.20
CA VAL B 76 -19.10 13.36 -6.18
C VAL B 76 -19.35 12.53 -7.45
N SER B 77 -19.31 13.19 -8.59
CA SER B 77 -19.60 12.50 -9.83
C SER B 77 -18.37 11.74 -10.27
N LYS B 78 -18.57 10.74 -11.13
CA LYS B 78 -17.48 9.94 -11.63
C LYS B 78 -16.42 10.82 -12.28
N SER B 79 -15.16 10.55 -12.00
CA SER B 79 -14.10 11.30 -12.63
C SER B 79 -14.31 11.35 -14.12
N CYS B 80 -14.24 12.56 -14.68
CA CYS B 80 -14.60 12.70 -16.07
C CYS B 80 -13.44 13.05 -16.93
N THR B 81 -13.52 12.65 -18.19
CA THR B 81 -12.63 13.07 -19.23
C THR B 81 -13.46 13.94 -20.17
N PRO B 82 -12.81 14.63 -21.11
CA PRO B 82 -13.58 15.58 -21.91
C PRO B 82 -14.67 14.88 -22.70
N ALA B 83 -14.38 13.69 -23.17
CA ALA B 83 -15.33 12.93 -23.94
C ALA B 83 -15.63 11.64 -23.19
N LEU B 84 -16.78 11.03 -23.46
CA LEU B 84 -17.11 9.76 -22.85
C LEU B 84 -15.98 8.74 -23.08
N ARG B 85 -15.85 7.77 -22.17
CA ARG B 85 -14.87 6.69 -22.26
C ARG B 85 -15.58 5.43 -21.86
N GLU B 86 -15.43 4.37 -22.63
CA GLU B 86 -16.10 3.13 -22.26
C GLU B 86 -15.34 2.41 -21.15
N GLY B 87 -14.07 2.73 -21.01
CA GLY B 87 -13.25 2.14 -19.96
C GLY B 87 -12.73 0.81 -20.40
N ASN B 88 -12.22 0.02 -19.45
CA ASN B 88 -11.49 -1.21 -19.78
C ASN B 88 -12.43 -2.39 -20.00
N PRO B 89 -11.95 -3.44 -20.67
CA PRO B 89 -12.75 -4.65 -20.81
C PRO B 89 -13.04 -5.25 -19.44
N THR B 90 -14.16 -5.93 -19.31
CA THR B 90 -14.51 -6.55 -18.05
C THR B 90 -13.96 -7.98 -18.04
N PRO B 91 -13.84 -8.58 -16.85
CA PRO B 91 -14.09 -7.99 -15.53
C PRO B 91 -13.02 -6.94 -15.19
N ARG B 92 -13.44 -5.85 -14.58
CA ARG B 92 -12.50 -4.77 -14.31
C ARG B 92 -12.66 -4.30 -12.88
N TYR B 93 -13.56 -4.97 -12.16
CA TYR B 93 -13.75 -4.74 -10.73
C TYR B 93 -14.02 -6.07 -10.11
N GLN B 94 -13.46 -6.30 -8.93
CA GLN B 94 -13.80 -7.49 -8.19
C GLN B 94 -13.87 -7.12 -6.74
N ALA B 95 -14.99 -7.45 -6.11
CA ALA B 95 -15.12 -7.31 -4.68
C ALA B 95 -14.40 -8.47 -4.05
N LEU B 96 -13.78 -8.22 -2.90
CA LEU B 96 -12.95 -9.20 -2.25
C LEU B 96 -13.27 -9.22 -0.78
N PRO B 97 -12.96 -10.34 -0.12
CA PRO B 97 -13.19 -10.35 1.32
C PRO B 97 -12.64 -9.11 2.02
N LEU B 98 -11.45 -8.66 1.64
CA LEU B 98 -10.79 -7.52 2.32
C LEU B 98 -10.88 -6.23 1.54
N GLY B 99 -11.71 -6.21 0.50
CA GLY B 99 -11.92 -4.93 -0.18
C GLY B 99 -12.31 -5.11 -1.62
N SER B 100 -11.52 -4.51 -2.51
CA SER B 100 -11.81 -4.58 -3.94
C SER B 100 -10.55 -4.32 -4.70
N ILE B 101 -10.54 -4.74 -5.96
CA ILE B 101 -9.51 -4.38 -6.87
C ILE B 101 -10.20 -3.95 -8.14
N ASN B 102 -9.71 -2.88 -8.77
CA ASN B 102 -10.29 -2.49 -10.02
C ASN B 102 -9.26 -1.89 -10.93
N SER B 103 -9.51 -2.08 -12.22
CA SER B 103 -8.88 -1.29 -13.25
CA SER B 103 -8.88 -1.25 -13.23
C SER B 103 -9.98 -0.83 -14.20
N MET B 104 -10.86 0.04 -13.73
CA MET B 104 -12.01 0.44 -14.53
C MET B 104 -11.62 1.03 -15.88
N GLY B 105 -10.51 1.78 -15.92
CA GLY B 105 -10.09 2.50 -17.12
C GLY B 105 -10.81 3.81 -17.35
N LEU B 106 -11.27 4.42 -16.27
CA LEU B 106 -11.93 5.70 -16.35
C LEU B 106 -13.19 5.68 -17.27
N PRO B 107 -14.07 4.68 -17.11
CA PRO B 107 -15.31 4.74 -17.90
C PRO B 107 -16.16 5.87 -17.37
N ASN B 108 -16.62 6.74 -18.24
CA ASN B 108 -17.42 7.86 -17.75
C ASN B 108 -18.15 8.50 -18.88
N ASN B 109 -19.16 9.28 -18.56
CA ASN B 109 -20.03 9.83 -19.58
C ASN B 109 -19.52 11.03 -20.27
N GLY B 110 -18.35 11.49 -19.84
CA GLY B 110 -17.71 12.63 -20.45
C GLY B 110 -18.08 13.88 -19.66
N PHE B 111 -17.26 14.89 -19.76
CA PHE B 111 -17.40 16.11 -18.98
C PHE B 111 -18.73 16.81 -19.22
N ASP B 112 -19.15 16.94 -20.49
CA ASP B 112 -20.42 17.62 -20.77
C ASP B 112 -21.51 17.05 -19.92
N PHE B 113 -21.51 15.74 -19.78
CA PHE B 113 -22.59 15.06 -19.09
C PHE B 113 -22.62 15.49 -17.61
N TYR B 114 -21.45 15.48 -16.97
CA TYR B 114 -21.40 15.78 -15.54
C TYR B 114 -21.57 17.26 -15.32
N LEU B 115 -21.09 18.05 -16.27
CA LEU B 115 -21.29 19.48 -16.19
C LEU B 115 -22.78 19.79 -16.27
N ALA B 116 -23.48 19.11 -17.18
CA ALA B 116 -24.93 19.27 -17.32
C ALA B 116 -25.66 18.83 -16.08
N TYR B 117 -25.22 17.72 -15.50
CA TYR B 117 -25.84 17.29 -14.28
C TYR B 117 -25.68 18.39 -13.24
N ALA B 118 -24.46 18.92 -13.12
CA ALA B 118 -24.21 19.93 -12.11
C ALA B 118 -24.96 21.24 -12.42
N ALA B 119 -25.05 21.60 -13.71
CA ALA B 119 -25.64 22.88 -14.13
C ALA B 119 -27.16 22.85 -14.05
N GLU B 120 -27.75 21.71 -14.39
CA GLU B 120 -29.15 21.71 -14.77
C GLU B 120 -30.00 20.79 -13.92
N GLN B 121 -29.40 19.74 -13.36
CA GLN B 121 -30.21 18.65 -12.79
C GLN B 121 -30.07 18.46 -11.32
N HIS B 122 -28.86 18.71 -10.81
CA HIS B 122 -28.61 18.39 -9.43
C HIS B 122 -29.39 19.29 -8.50
N ASP B 123 -30.02 18.68 -7.51
CA ASP B 123 -30.75 19.42 -6.49
C ASP B 123 -29.82 19.86 -5.37
N TYR B 124 -29.28 21.07 -5.48
CA TYR B 124 -28.36 21.61 -4.48
C TYR B 124 -29.08 21.85 -3.16
N GLY B 125 -30.41 21.95 -3.23
CA GLY B 125 -31.20 22.08 -2.03
C GLY B 125 -31.04 20.85 -1.15
N LYS B 126 -30.79 19.71 -1.78
CA LYS B 126 -30.65 18.46 -1.05
CA LYS B 126 -30.63 18.45 -1.05
C LYS B 126 -29.25 18.30 -0.42
N LYS B 127 -28.21 18.57 -1.22
CA LYS B 127 -26.83 18.45 -0.73
C LYS B 127 -25.87 19.03 -1.76
N PRO B 128 -24.70 19.50 -1.30
CA PRO B 128 -23.70 19.97 -2.22
C PRO B 128 -23.21 18.86 -3.14
N LEU B 129 -22.65 19.27 -4.26
CA LEU B 129 -22.18 18.33 -5.26
C LEU B 129 -20.75 18.59 -5.54
N PHE B 130 -19.96 17.53 -5.62
CA PHE B 130 -18.60 17.59 -6.11
C PHE B 130 -18.54 16.97 -7.48
N LEU B 131 -17.70 17.52 -8.32
CA LEU B 131 -17.54 16.98 -9.65
C LEU B 131 -16.11 16.54 -9.74
N SER B 132 -15.89 15.25 -9.95
CA SER B 132 -14.54 14.77 -10.09
C SER B 132 -14.11 14.89 -11.52
N MET B 133 -12.93 15.43 -11.70
CA MET B 133 -12.39 15.65 -13.00
C MET B 133 -11.10 14.90 -13.16
N SER B 134 -10.95 14.19 -14.26
CA SER B 134 -9.71 13.49 -14.49
C SER B 134 -9.27 13.54 -15.96
N GLY B 135 -8.95 14.72 -16.45
CA GLY B 135 -8.40 14.86 -17.77
C GLY B 135 -7.14 14.00 -17.89
N LEU B 136 -6.88 13.48 -19.09
CA LEU B 136 -5.69 12.66 -19.33
C LEU B 136 -4.48 13.51 -19.65
N SER B 137 -4.68 14.81 -19.69
CA SER B 137 -3.59 15.71 -19.87
C SER B 137 -3.90 16.97 -19.12
N MET B 138 -2.88 17.76 -18.89
CA MET B 138 -3.06 19.05 -18.30
C MET B 138 -4.01 19.88 -19.14
N ARG B 139 -3.82 19.87 -20.46
CA ARG B 139 -4.68 20.65 -21.34
C ARG B 139 -6.14 20.28 -21.15
N GLU B 140 -6.42 18.99 -21.00
CA GLU B 140 -7.80 18.56 -20.90
C GLU B 140 -8.41 19.12 -19.63
N ASN B 141 -7.66 19.04 -18.54
CA ASN B 141 -8.14 19.59 -17.28
C ASN B 141 -8.35 21.08 -17.41
N VAL B 142 -7.40 21.77 -18.02
CA VAL B 142 -7.54 23.21 -18.18
C VAL B 142 -8.82 23.54 -18.97
N GLU B 143 -9.06 22.82 -20.04
CA GLU B 143 -10.21 23.11 -20.89
C GLU B 143 -11.52 22.82 -20.20
N MET B 144 -11.56 21.74 -19.43
CA MET B 144 -12.74 21.46 -18.65
C MET B 144 -12.94 22.49 -17.55
N CYS B 145 -11.88 22.83 -16.83
CA CYS B 145 -12.00 23.81 -15.76
C CYS B 145 -12.50 25.17 -16.30
N LYS B 146 -11.96 25.59 -17.44
CA LYS B 146 -12.46 26.80 -18.08
C LYS B 146 -13.99 26.76 -18.16
N ARG B 147 -14.55 25.63 -18.57
CA ARG B 147 -15.99 25.50 -18.71
C ARG B 147 -16.70 25.23 -17.40
N LEU B 148 -16.01 24.59 -16.47
CA LEU B 148 -16.62 24.30 -15.18
C LEU B 148 -16.81 25.60 -14.37
N ALA B 149 -15.89 26.54 -14.56
CA ALA B 149 -15.88 27.76 -13.77
C ALA B 149 -17.28 28.38 -13.64
N ALA B 150 -17.96 28.57 -14.77
CA ALA B 150 -19.23 29.30 -14.76
C ALA B 150 -20.25 28.52 -13.96
N VAL B 151 -20.22 27.20 -14.09
CA VAL B 151 -21.18 26.38 -13.38
C VAL B 151 -20.89 26.35 -11.89
N ALA B 152 -19.60 26.30 -11.53
CA ALA B 152 -19.22 26.41 -10.12
C ALA B 152 -19.76 27.73 -9.56
N THR B 153 -19.54 28.80 -10.30
CA THR B 153 -20.00 30.15 -9.89
C THR B 153 -21.50 30.16 -9.71
N GLU B 154 -22.19 29.65 -10.73
CA GLU B 154 -23.63 29.77 -10.81
C GLU B 154 -24.35 28.78 -9.90
N LYS B 155 -23.85 27.55 -9.81
CA LYS B 155 -24.57 26.50 -9.08
C LYS B 155 -23.85 26.03 -7.82
N GLY B 156 -22.55 26.28 -7.75
CA GLY B 156 -21.78 25.97 -6.54
C GLY B 156 -21.24 24.54 -6.51
N VAL B 157 -21.34 23.82 -7.62
CA VAL B 157 -20.60 22.54 -7.76
C VAL B 157 -19.12 22.75 -7.41
N ILE B 158 -18.51 21.77 -6.75
CA ILE B 158 -17.15 21.92 -6.27
C ILE B 158 -16.30 20.89 -6.95
N LEU B 159 -15.20 21.35 -7.51
CA LEU B 159 -14.28 20.47 -8.22
C LEU B 159 -13.44 19.61 -7.27
N GLU B 160 -13.41 18.31 -7.55
CA GLU B 160 -12.37 17.48 -7.00
C GLU B 160 -11.54 16.99 -8.15
N LEU B 161 -10.33 17.51 -8.22
CA LEU B 161 -9.45 17.26 -9.33
C LEU B 161 -8.64 16.00 -9.03
N ASN B 162 -8.83 14.99 -9.86
CA ASN B 162 -8.20 13.72 -9.68
C ASN B 162 -6.76 13.80 -10.17
N LEU B 163 -5.82 13.82 -9.24
CA LEU B 163 -4.40 13.81 -9.56
C LEU B 163 -3.80 12.40 -9.44
N SER B 164 -4.65 11.38 -9.31
CA SER B 164 -4.16 10.03 -8.95
C SER B 164 -4.76 8.99 -9.85
N CYS B 165 -5.24 9.43 -11.01
CA CYS B 165 -5.82 8.54 -11.99
C CYS B 165 -4.76 7.55 -12.49
N PRO B 166 -5.08 6.25 -12.49
CA PRO B 166 -4.11 5.26 -12.93
C PRO B 166 -3.80 5.42 -14.42
N GLN B 173 1.43 8.82 -13.65
CA GLN B 173 0.47 9.10 -12.57
C GLN B 173 0.84 10.42 -11.91
N VAL B 174 0.01 11.44 -12.15
CA VAL B 174 0.40 12.84 -11.89
C VAL B 174 0.94 13.04 -10.48
N ALA B 175 0.28 12.42 -9.50
CA ALA B 175 0.59 12.64 -8.08
C ALA B 175 1.89 11.94 -7.63
N TYR B 176 2.37 10.99 -8.41
CA TYR B 176 3.67 10.38 -8.13
C TYR B 176 4.77 11.09 -8.92
N ASP B 177 4.39 12.16 -9.60
CA ASP B 177 5.35 13.03 -10.32
C ASP B 177 5.15 14.47 -9.84
N PHE B 178 5.97 14.92 -8.89
CA PHE B 178 5.72 16.22 -8.25
C PHE B 178 5.84 17.43 -9.16
N ASP B 179 6.74 17.38 -10.13
CA ASP B 179 6.85 18.48 -11.10
C ASP B 179 5.56 18.64 -11.88
N ALA B 180 5.07 17.53 -12.40
CA ALA B 180 3.85 17.51 -13.17
C ALA B 180 2.70 18.03 -12.33
N MET B 181 2.69 17.64 -11.05
CA MET B 181 1.62 18.02 -10.14
C MET B 181 1.59 19.51 -9.99
N ARG B 182 2.74 20.11 -9.69
CA ARG B 182 2.79 21.54 -9.57
C ARG B 182 2.33 22.25 -10.86
N GLN B 183 2.81 21.78 -12.00
CA GLN B 183 2.47 22.42 -13.26
C GLN B 183 0.99 22.26 -13.46
N CYS B 184 0.46 21.10 -13.15
CA CYS B 184 -0.95 20.87 -13.37
C CYS B 184 -1.77 21.85 -12.52
N LEU B 185 -1.44 21.92 -11.24
CA LEU B 185 -2.16 22.81 -10.33
C LEU B 185 -1.99 24.26 -10.73
N THR B 186 -0.82 24.63 -11.20
CA THR B 186 -0.63 25.98 -11.71
C THR B 186 -1.60 26.26 -12.87
N ALA B 187 -1.63 25.35 -13.83
CA ALA B 187 -2.42 25.50 -15.03
C ALA B 187 -3.90 25.58 -14.71
N VAL B 188 -4.36 24.68 -13.85
CA VAL B 188 -5.74 24.71 -13.40
C VAL B 188 -6.01 25.99 -12.59
N SER B 189 -5.11 26.34 -11.68
CA SER B 189 -5.34 27.52 -10.85
C SER B 189 -5.47 28.79 -11.71
N GLU B 190 -4.70 28.83 -12.80
CA GLU B 190 -4.71 29.97 -13.73
C GLU B 190 -6.09 30.23 -14.29
N VAL B 191 -6.84 29.17 -14.53
CA VAL B 191 -8.03 29.30 -15.35
C VAL B 191 -9.29 29.02 -14.55
N TYR B 192 -9.12 28.56 -13.32
CA TYR B 192 -10.26 28.17 -12.53
C TYR B 192 -10.33 29.07 -11.30
N PRO B 193 -11.27 30.02 -11.28
CA PRO B 193 -11.27 31.01 -10.22
C PRO B 193 -12.15 30.55 -9.05
N HIS B 194 -11.88 29.37 -8.54
CA HIS B 194 -12.63 28.86 -7.42
C HIS B 194 -11.72 27.99 -6.63
N SER B 195 -12.12 27.74 -5.39
CA SER B 195 -11.48 26.73 -4.59
CA SER B 195 -11.47 26.73 -4.60
C SER B 195 -11.79 25.39 -5.21
N PHE B 196 -10.92 24.42 -4.99
CA PHE B 196 -11.19 23.07 -5.38
C PHE B 196 -10.38 22.15 -4.51
N GLY B 197 -10.53 20.86 -4.74
CA GLY B 197 -9.81 19.88 -3.96
C GLY B 197 -9.08 18.98 -4.91
N VAL B 198 -8.14 18.22 -4.37
CA VAL B 198 -7.41 17.28 -5.18
C VAL B 198 -7.53 15.90 -4.57
N LYS B 199 -7.71 14.91 -5.44
CA LYS B 199 -7.74 13.54 -5.04
C LYS B 199 -6.35 12.97 -5.20
N MET B 200 -5.77 12.52 -4.11
CA MET B 200 -4.37 12.13 -4.10
C MET B 200 -4.22 10.63 -4.08
N PRO B 201 -3.18 10.12 -4.72
CA PRO B 201 -2.86 8.73 -4.47
C PRO B 201 -2.21 8.61 -3.07
N PRO B 202 -2.19 7.40 -2.50
CA PRO B 202 -1.49 7.29 -1.23
C PRO B 202 0.00 7.47 -1.42
N TYR B 203 0.66 8.07 -0.44
CA TYR B 203 2.12 8.03 -0.36
C TYR B 203 2.51 7.16 0.79
N PHE B 204 3.78 6.77 0.81
CA PHE B 204 4.23 5.73 1.72
C PHE B 204 5.49 6.11 2.46
N ASP B 205 5.85 7.37 2.42
CA ASP B 205 6.93 7.85 3.26
C ASP B 205 6.87 9.32 3.49
N PHE B 206 7.55 9.78 4.53
CA PHE B 206 7.43 11.19 4.95
C PHE B 206 8.06 12.08 3.92
N ALA B 207 9.08 11.59 3.22
CA ALA B 207 9.68 12.42 2.19
C ALA B 207 8.62 12.81 1.19
N HIS B 208 7.77 11.86 0.83
CA HIS B 208 6.73 12.15 -0.14
C HIS B 208 5.58 12.91 0.48
N PHE B 209 5.21 12.61 1.73
CA PHE B 209 4.19 13.46 2.36
C PHE B 209 4.66 14.91 2.34
N ASP B 210 5.92 15.12 2.74
CA ASP B 210 6.48 16.48 2.74
C ASP B 210 6.48 17.12 1.39
N ALA B 211 6.94 16.39 0.39
CA ALA B 211 7.06 16.93 -0.95
C ALA B 211 5.67 17.25 -1.52
N ALA B 212 4.73 16.32 -1.33
CA ALA B 212 3.39 16.50 -1.85
C ALA B 212 2.76 17.67 -1.17
N ALA B 213 2.85 17.70 0.16
CA ALA B 213 2.23 18.76 0.94
C ALA B 213 2.82 20.12 0.57
N GLU B 214 4.13 20.15 0.34
CA GLU B 214 4.78 21.39 -0.06
C GLU B 214 4.16 21.92 -1.34
N ILE B 215 4.00 21.03 -2.33
CA ILE B 215 3.35 21.44 -3.56
C ILE B 215 1.93 21.93 -3.30
N LEU B 216 1.16 21.17 -2.54
CA LEU B 216 -0.24 21.51 -2.42
C LEU B 216 -0.36 22.86 -1.69
N ASN B 217 0.51 23.07 -0.72
CA ASN B 217 0.52 24.33 0.05
C ASN B 217 0.87 25.54 -0.80
N GLU B 218 1.42 25.32 -1.98
CA GLU B 218 1.71 26.42 -2.91
C GLU B 218 0.44 26.94 -3.53
N PHE B 219 -0.63 26.16 -3.43
CA PHE B 219 -1.87 26.49 -4.10
C PHE B 219 -3.02 26.71 -3.15
N PRO B 220 -3.31 27.97 -2.86
CA PRO B 220 -4.34 28.27 -1.88
C PRO B 220 -5.68 27.84 -2.39
N LYS B 221 -5.87 27.83 -3.70
CA LYS B 221 -7.14 27.37 -4.24
C LYS B 221 -7.40 25.92 -3.89
N VAL B 222 -6.35 25.16 -3.66
CA VAL B 222 -6.54 23.77 -3.25
C VAL B 222 -6.99 23.79 -1.79
N GLN B 223 -8.29 23.75 -1.58
CA GLN B 223 -8.80 23.91 -0.22
C GLN B 223 -9.10 22.59 0.46
N PHE B 224 -9.15 21.51 -0.31
CA PHE B 224 -9.23 20.20 0.32
C PHE B 224 -8.41 19.20 -0.43
N ILE B 225 -8.01 18.16 0.28
CA ILE B 225 -7.19 17.10 -0.27
C ILE B 225 -7.92 15.84 0.11
N THR B 226 -8.19 15.01 -0.89
CA THR B 226 -8.85 13.77 -0.64
C THR B 226 -7.82 12.67 -0.65
N CYS B 227 -7.69 12.02 0.48
CA CYS B 227 -6.74 10.94 0.70
C CYS B 227 -7.60 9.74 1.07
N ILE B 228 -7.65 8.70 0.24
CA ILE B 228 -6.71 8.44 -0.83
C ILE B 228 -7.45 7.78 -1.99
N ASN B 229 -6.82 7.82 -3.14
CA ASN B 229 -7.23 6.99 -4.22
C ASN B 229 -6.77 5.56 -3.86
N SER B 230 -6.92 4.62 -4.77
CA SER B 230 -6.55 3.24 -4.48
C SER B 230 -5.10 3.10 -4.10
N ILE B 231 -4.79 2.06 -3.35
CA ILE B 231 -3.43 1.56 -3.34
C ILE B 231 -3.22 0.89 -4.69
N GLY B 232 -2.33 1.48 -5.47
CA GLY B 232 -2.28 1.22 -6.90
C GLY B 232 -1.72 -0.14 -7.22
N ASN B 233 -2.22 -0.73 -8.29
CA ASN B 233 -1.56 -1.89 -8.88
C ASN B 233 -1.20 -3.01 -7.92
N GLY B 234 -2.14 -3.36 -7.08
CA GLY B 234 -2.11 -4.64 -6.43
C GLY B 234 -2.46 -5.73 -7.45
N LEU B 235 -2.27 -6.98 -7.07
CA LEU B 235 -2.55 -8.08 -7.93
C LEU B 235 -3.26 -9.11 -7.10
N VAL B 236 -4.54 -9.29 -7.37
CA VAL B 236 -5.29 -10.33 -6.70
C VAL B 236 -5.23 -11.59 -7.54
N ILE B 237 -4.92 -12.70 -6.89
CA ILE B 237 -4.88 -13.99 -7.56
C ILE B 237 -5.84 -14.89 -6.85
N ASP B 238 -6.73 -15.51 -7.61
CA ASP B 238 -7.71 -16.41 -7.06
C ASP B 238 -7.02 -17.78 -6.97
N ALA B 239 -6.82 -18.30 -5.76
CA ALA B 239 -6.08 -19.58 -5.62
C ALA B 239 -6.82 -20.74 -6.31
N GLU B 240 -8.14 -20.66 -6.36
CA GLU B 240 -8.92 -21.73 -6.96
C GLU B 240 -8.71 -21.77 -8.46
N THR B 241 -8.93 -20.65 -9.12
CA THR B 241 -8.75 -20.57 -10.57
C THR B 241 -7.25 -20.42 -10.99
N GLU B 242 -6.37 -20.15 -10.03
CA GLU B 242 -4.97 -19.88 -10.36
C GLU B 242 -4.83 -18.77 -11.39
N SER B 243 -5.68 -17.77 -11.26
CA SER B 243 -5.68 -16.68 -12.19
C SER B 243 -5.87 -15.38 -11.45
N VAL B 244 -5.58 -14.29 -12.14
CA VAL B 244 -5.94 -12.99 -11.67
C VAL B 244 -7.46 -12.86 -11.77
N VAL B 245 -7.99 -11.74 -11.32
CA VAL B 245 -9.44 -11.66 -11.22
C VAL B 245 -10.00 -10.51 -12.00
N ILE B 246 -9.11 -9.68 -12.58
CA ILE B 246 -9.57 -8.71 -13.52
C ILE B 246 -8.74 -8.78 -14.78
N LYS B 247 -9.35 -8.30 -15.86
CA LYS B 247 -8.80 -8.56 -17.16
C LYS B 247 -7.73 -7.58 -17.58
N PRO B 248 -7.97 -6.27 -17.37
CA PRO B 248 -6.97 -5.29 -17.82
C PRO B 248 -5.65 -5.45 -17.10
N LYS B 249 -4.57 -5.00 -17.74
CA LYS B 249 -3.28 -4.83 -17.10
C LYS B 249 -2.85 -6.09 -16.38
N GLN B 250 -3.10 -7.25 -16.98
CA GLN B 250 -2.65 -8.51 -16.45
C GLN B 250 -3.07 -8.75 -15.03
N GLY B 251 -4.21 -8.20 -14.65
CA GLY B 251 -4.79 -8.47 -13.36
C GLY B 251 -4.43 -7.43 -12.32
N PHE B 252 -3.58 -6.47 -12.67
CA PHE B 252 -3.15 -5.45 -11.69
C PHE B 252 -4.21 -4.37 -11.66
N GLY B 253 -4.50 -3.87 -10.46
CA GLY B 253 -5.52 -2.87 -10.31
C GLY B 253 -5.47 -2.25 -8.95
N GLY B 254 -6.23 -1.18 -8.77
CA GLY B 254 -6.15 -0.42 -7.55
C GLY B 254 -6.90 -1.17 -6.46
N LEU B 255 -6.32 -1.19 -5.29
CA LEU B 255 -6.96 -1.80 -4.15
C LEU B 255 -7.76 -0.80 -3.39
N GLY B 256 -8.95 -1.21 -2.97
CA GLY B 256 -9.75 -0.41 -2.07
C GLY B 256 -10.23 -1.29 -0.93
N GLY B 257 -10.93 -0.69 0.01
CA GLY B 257 -11.56 -1.41 1.07
C GLY B 257 -10.64 -1.63 2.25
N ARG B 258 -10.88 -2.71 2.97
CA ARG B 258 -10.15 -3.01 4.22
CA ARG B 258 -10.16 -2.94 4.22
CA ARG B 258 -10.15 -2.95 4.22
C ARG B 258 -8.63 -2.99 4.04
N TYR B 259 -8.16 -3.39 2.87
CA TYR B 259 -6.73 -3.38 2.59
C TYR B 259 -6.11 -2.01 2.87
N VAL B 260 -6.89 -0.95 2.66
CA VAL B 260 -6.26 0.37 2.50
C VAL B 260 -6.45 1.28 3.68
N LEU B 261 -7.15 0.83 4.69
CA LEU B 261 -7.53 1.76 5.73
C LEU B 261 -6.32 2.41 6.45
N PRO B 262 -5.32 1.61 6.88
CA PRO B 262 -4.19 2.26 7.56
C PRO B 262 -3.41 3.17 6.62
N THR B 263 -3.33 2.81 5.35
CA THR B 263 -2.71 3.71 4.40
C THR B 263 -3.53 4.97 4.27
N ALA B 264 -4.86 4.81 4.17
CA ALA B 264 -5.71 5.99 4.06
C ALA B 264 -5.53 6.88 5.32
N LEU B 265 -5.60 6.28 6.49
CA LEU B 265 -5.47 7.03 7.75
C LEU B 265 -4.14 7.75 7.78
N ALA B 266 -3.07 7.07 7.31
CA ALA B 266 -1.72 7.67 7.31
C ALA B 266 -1.73 8.90 6.42
N ASN B 267 -2.35 8.78 5.26
CA ASN B 267 -2.31 9.89 4.36
C ASN B 267 -3.18 11.04 4.83
N ILE B 268 -4.36 10.69 5.31
CA ILE B 268 -5.26 11.69 5.85
C ILE B 268 -4.47 12.46 6.91
N ASN B 269 -3.90 11.74 7.86
CA ASN B 269 -3.25 12.40 8.95
C ASN B 269 -2.00 13.14 8.46
N ALA B 270 -1.24 12.52 7.57
CA ALA B 270 -0.02 13.17 7.07
C ALA B 270 -0.35 14.53 6.48
N PHE B 271 -1.40 14.57 5.69
CA PHE B 271 -1.73 15.82 5.03
C PHE B 271 -2.45 16.76 5.96
N TYR B 272 -3.22 16.20 6.88
CA TYR B 272 -3.90 17.00 7.88
C TYR B 272 -2.83 17.81 8.64
N ARG B 273 -1.73 17.14 8.96
CA ARG B 273 -0.64 17.75 9.73
C ARG B 273 0.12 18.75 8.88
N ARG B 274 0.41 18.39 7.64
CA ARG B 274 1.28 19.20 6.78
C ARG B 274 0.61 20.31 6.02
N CYS B 275 -0.72 20.26 5.93
CA CYS B 275 -1.49 21.24 5.17
C CYS B 275 -2.56 21.80 6.09
N PRO B 276 -2.13 22.48 7.15
CA PRO B 276 -3.03 22.98 8.18
C PRO B 276 -4.03 24.02 7.65
N GLY B 277 -3.74 24.62 6.50
CA GLY B 277 -4.63 25.61 5.91
C GLY B 277 -5.68 24.97 5.00
N LYS B 278 -5.67 23.65 4.92
CA LYS B 278 -6.60 22.95 4.03
C LYS B 278 -7.42 21.94 4.85
N LEU B 279 -8.51 21.45 4.25
CA LEU B 279 -9.25 20.36 4.81
C LEU B 279 -8.83 19.07 4.12
N ILE B 280 -8.98 17.96 4.82
CA ILE B 280 -8.71 16.64 4.28
C ILE B 280 -10.03 15.93 4.15
N PHE B 281 -10.25 15.30 3.00
CA PHE B 281 -11.38 14.39 2.90
C PHE B 281 -10.78 13.01 2.99
N GLY B 282 -11.34 12.17 3.82
CA GLY B 282 -10.84 10.81 3.94
C GLY B 282 -11.51 9.96 2.91
N CYS B 283 -10.76 9.01 2.39
CA CYS B 283 -11.31 8.03 1.48
C CYS B 283 -10.46 6.80 1.60
N GLY B 284 -11.06 5.67 1.91
CA GLY B 284 -10.32 4.45 1.92
C GLY B 284 -10.68 3.61 3.10
N GLY B 285 -11.27 2.46 2.82
CA GLY B 285 -11.51 1.45 3.83
C GLY B 285 -12.62 1.74 4.80
N VAL B 286 -13.53 2.64 4.44
CA VAL B 286 -14.64 2.95 5.37
C VAL B 286 -15.77 1.97 5.12
N TYR B 287 -16.07 1.13 6.11
CA TYR B 287 -17.22 0.24 6.02
C TYR B 287 -18.22 0.55 7.12
N THR B 288 -17.76 1.18 8.19
CA THR B 288 -18.60 1.36 9.37
C THR B 288 -18.41 2.77 9.89
N GLY B 289 -19.31 3.17 10.80
CA GLY B 289 -19.19 4.44 11.46
C GLY B 289 -17.92 4.50 12.27
N GLU B 290 -17.47 3.36 12.75
CA GLU B 290 -16.20 3.32 13.47
C GLU B 290 -15.03 3.65 12.56
N ASP B 291 -15.02 3.08 11.34
CA ASP B 291 -13.98 3.43 10.36
C ASP B 291 -14.02 4.92 10.10
N ALA B 292 -15.21 5.47 9.94
CA ALA B 292 -15.37 6.89 9.66
C ALA B 292 -14.86 7.70 10.84
N PHE B 293 -15.13 7.20 12.04
CA PHE B 293 -14.62 7.86 13.24
C PHE B 293 -13.10 7.94 13.17
N LEU B 294 -12.47 6.84 12.77
CA LEU B 294 -11.02 6.86 12.58
C LEU B 294 -10.58 7.89 11.55
N HIS B 295 -11.27 7.94 10.40
CA HIS B 295 -10.90 8.94 9.39
C HIS B 295 -10.92 10.32 10.00
N VAL B 296 -11.98 10.58 10.76
CA VAL B 296 -12.14 11.93 11.31
C VAL B 296 -11.07 12.19 12.38
N LEU B 297 -10.82 11.19 13.20
CA LEU B 297 -9.79 11.30 14.23
C LEU B 297 -8.45 11.61 13.58
N ALA B 298 -8.24 11.06 12.38
CA ALA B 298 -6.97 11.25 11.65
C ALA B 298 -6.91 12.63 11.02
N GLY B 299 -8.06 13.27 10.88
CA GLY B 299 -8.11 14.62 10.35
C GLY B 299 -9.19 14.89 9.32
N ALA B 300 -9.97 13.87 8.94
CA ALA B 300 -10.92 14.01 7.81
C ALA B 300 -12.08 14.94 8.16
N SER B 301 -12.46 15.78 7.19
CA SER B 301 -13.67 16.56 7.28
C SER B 301 -14.81 15.79 6.64
N MET B 302 -14.64 15.40 5.39
CA MET B 302 -15.66 14.58 4.72
C MET B 302 -15.08 13.18 4.69
N VAL B 303 -15.93 12.18 4.61
CA VAL B 303 -15.49 10.81 4.59
C VAL B 303 -16.13 10.13 3.39
N GLN B 304 -15.31 9.67 2.47
CA GLN B 304 -15.83 9.12 1.26
C GLN B 304 -15.85 7.61 1.37
N VAL B 305 -16.83 7.02 0.73
CA VAL B 305 -17.04 5.59 0.84
C VAL B 305 -17.06 5.02 -0.56
N GLY B 306 -16.13 4.12 -0.84
CA GLY B 306 -15.99 3.57 -2.17
C GLY B 306 -16.43 2.13 -2.19
N THR B 307 -15.49 1.24 -1.95
CA THR B 307 -15.77 -0.19 -2.00
C THR B 307 -17.02 -0.58 -1.23
N ALA B 308 -17.18 -0.09 -0.01
CA ALA B 308 -18.29 -0.55 0.82
C ALA B 308 -19.60 -0.12 0.17
N LEU B 309 -19.60 1.07 -0.40
CA LEU B 309 -20.76 1.59 -1.08
C LEU B 309 -21.07 0.76 -2.33
N GLN B 310 -20.02 0.37 -3.03
CA GLN B 310 -20.19 -0.46 -4.22
C GLN B 310 -20.90 -1.73 -3.82
N GLU B 311 -20.51 -2.28 -2.68
CA GLU B 311 -21.04 -3.56 -2.30
CA GLU B 311 -21.00 -3.58 -2.21
C GLU B 311 -22.41 -3.50 -1.62
N GLU B 312 -22.80 -2.33 -1.12
CA GLU B 312 -24.03 -2.25 -0.33
C GLU B 312 -25.07 -1.31 -0.93
N GLY B 313 -24.65 -0.41 -1.80
CA GLY B 313 -25.55 0.52 -2.38
C GLY B 313 -25.77 1.68 -1.45
N PRO B 314 -26.46 2.73 -1.94
CA PRO B 314 -26.49 4.01 -1.24
C PRO B 314 -27.22 3.98 0.10
N SER B 315 -27.90 2.88 0.40
CA SER B 315 -28.53 2.76 1.69
C SER B 315 -27.44 2.75 2.77
N ILE B 316 -26.21 2.51 2.35
CA ILE B 316 -25.13 2.44 3.30
C ILE B 316 -25.06 3.73 4.11
N PHE B 317 -25.46 4.83 3.50
CA PHE B 317 -25.30 6.09 4.19
C PHE B 317 -26.18 6.25 5.43
N GLU B 318 -27.37 5.63 5.42
CA GLU B 318 -28.22 5.62 6.62
C GLU B 318 -27.52 4.85 7.73
N ARG B 319 -26.92 3.72 7.38
CA ARG B 319 -26.24 2.90 8.35
C ARG B 319 -24.99 3.61 8.88
N LEU B 320 -24.23 4.23 7.99
CA LEU B 320 -23.00 4.91 8.37
C LEU B 320 -23.27 6.09 9.30
N THR B 321 -24.26 6.92 8.96
CA THR B 321 -24.60 8.07 9.80
C THR B 321 -25.06 7.59 11.17
N SER B 322 -25.91 6.58 11.16
CA SER B 322 -26.39 5.97 12.39
C SER B 322 -25.23 5.37 13.21
N GLU B 323 -24.32 4.65 12.54
CA GLU B 323 -23.19 4.06 13.22
C GLU B 323 -22.23 5.08 13.78
N LEU B 324 -21.96 6.14 13.01
CA LEU B 324 -21.03 7.16 13.48
C LEU B 324 -21.61 7.92 14.68
N LEU B 325 -22.90 8.22 14.61
CA LEU B 325 -23.57 8.84 15.74
C LEU B 325 -23.48 7.93 16.95
N GLY B 326 -23.66 6.64 16.74
CA GLY B 326 -23.60 5.68 17.81
C GLY B 326 -22.22 5.67 18.44
N VAL B 327 -21.19 5.65 17.59
CA VAL B 327 -19.81 5.73 18.05
C VAL B 327 -19.57 6.99 18.84
N MET B 328 -20.06 8.11 18.34
CA MET B 328 -19.88 9.37 19.03
C MET B 328 -20.63 9.38 20.36
N ALA B 329 -21.86 8.85 20.37
CA ALA B 329 -22.62 8.79 21.62
C ALA B 329 -21.86 7.98 22.67
N LYS B 330 -21.33 6.83 22.27
CA LYS B 330 -20.54 6.00 23.18
C LYS B 330 -19.30 6.71 23.70
N LYS B 331 -18.72 7.58 22.88
CA LYS B 331 -17.46 8.21 23.20
C LYS B 331 -17.68 9.59 23.74
N ARG B 332 -18.95 9.97 23.84
CA ARG B 332 -19.35 11.24 24.41
C ARG B 332 -18.83 12.40 23.59
N TYR B 333 -19.01 12.30 22.28
CA TYR B 333 -18.74 13.41 21.38
C TYR B 333 -20.06 13.90 20.82
N GLN B 334 -20.17 15.21 20.69
CA GLN B 334 -21.37 15.77 20.12
C GLN B 334 -21.17 16.20 18.69
N THR B 335 -19.97 16.66 18.36
CA THR B 335 -19.71 17.13 17.00
C THR B 335 -18.41 16.53 16.48
N LEU B 336 -18.26 16.56 15.17
CA LEU B 336 -17.05 16.02 14.56
C LEU B 336 -15.85 16.88 14.92
N ASP B 337 -16.08 18.20 15.00
N ASP B 337 -16.07 18.19 15.04
CA ASP B 337 -15.04 19.15 15.39
CA ASP B 337 -14.97 19.09 15.33
C ASP B 337 -14.31 18.69 16.64
C ASP B 337 -14.37 18.86 16.72
N GLU B 338 -15.06 18.13 17.57
CA GLU B 338 -14.54 17.79 18.88
C GLU B 338 -13.36 16.85 18.83
N PHE B 339 -13.33 15.97 17.83
CA PHE B 339 -12.27 15.02 17.76
C PHE B 339 -11.53 14.96 16.41
N ARG B 340 -11.94 15.77 15.44
CA ARG B 340 -11.27 15.75 14.15
CA ARG B 340 -11.27 15.75 14.14
C ARG B 340 -9.79 16.06 14.29
N GLY B 341 -8.96 15.15 13.80
CA GLY B 341 -7.54 15.36 13.81
C GLY B 341 -6.91 15.16 15.17
N LYS B 342 -7.72 14.74 16.15
CA LYS B 342 -7.24 14.62 17.54
C LYS B 342 -6.67 13.26 17.93
N VAL B 343 -6.33 12.44 16.95
CA VAL B 343 -5.77 11.13 17.26
C VAL B 343 -4.55 11.34 18.15
N ARG B 344 -4.47 10.54 19.19
CA ARG B 344 -3.40 10.70 20.17
C ARG B 344 -2.17 9.91 19.76
N THR B 345 -1.02 10.56 19.75
CA THR B 345 0.22 9.86 19.53
C THR B 345 0.85 9.46 20.87
N LEU B 346 1.79 8.53 20.83
CA LEU B 346 2.41 8.04 22.05
C LEU B 346 3.80 8.62 22.23
#